data_1N10
#
_entry.id   1N10
#
_cell.length_a   59.685
_cell.length_b   65.526
_cell.length_c   144.769
_cell.angle_alpha   90.0
_cell.angle_beta   90.0
_cell.angle_gamma   90.0
#
_symmetry.space_group_name_H-M   'P 21 21 21'
#
loop_
_entity.id
_entity.type
_entity.pdbx_description
1 polymer 'Pollen allergen Phl p 1'
2 non-polymer 2-acetamido-2-deoxy-beta-D-glucopyranose
#
_entity_poly.entity_id   1
_entity_poly.type   'polypeptide(L)'
_entity_poly.pdbx_seq_one_letter_code
;AIPKVPPGPNITATYGDKWLDAKSTWYGKPTGAGPKDNGGACGYKDVDKPPFSGMTGCGNTPIFKSGRGCGSCFEIKCTK
PEACSGEPVVVHITDDNEEPIAPYHFDLSGHAFGAMAKKGDEQKLRSAGELELQFRRVKCKYPEGTKVTFHVEKGSNPNY
LALLVKYVNGDGDVVAVDIKEKGKDKWIELKESWGAIWRIDTPDKLTGPFTVRYTTEGGTKTEAEDVIPEGWKADTSYES
K
;
_entity_poly.pdbx_strand_id   A,B
#
loop_
_chem_comp.id
_chem_comp.type
_chem_comp.name
_chem_comp.formula
NAG D-saccharide, beta linking 2-acetamido-2-deoxy-beta-D-glucopyranose 'C8 H15 N O6'
#
# COMPACT_ATOMS: atom_id res chain seq x y z
N PRO A 3 -12.19 -25.19 -9.33
CA PRO A 3 -11.88 -23.77 -9.05
C PRO A 3 -12.06 -22.85 -10.26
N LYS A 4 -12.60 -23.38 -11.35
CA LYS A 4 -12.88 -22.64 -12.59
C LYS A 4 -11.63 -22.28 -13.41
N VAL A 5 -11.47 -20.98 -13.71
CA VAL A 5 -10.30 -20.50 -14.45
C VAL A 5 -9.51 -19.60 -13.54
N PRO A 6 -8.18 -19.73 -13.58
CA PRO A 6 -7.25 -18.95 -12.77
C PRO A 6 -7.50 -17.45 -12.73
N PRO A 7 -7.69 -16.89 -11.53
CA PRO A 7 -7.93 -15.46 -11.39
C PRO A 7 -6.73 -14.64 -11.84
N GLY A 8 -6.99 -13.61 -12.63
CA GLY A 8 -5.93 -12.74 -13.11
C GLY A 8 -5.34 -12.01 -11.94
N PRO A 9 -4.22 -11.30 -12.13
CA PRO A 9 -3.58 -10.56 -11.03
C PRO A 9 -4.50 -9.71 -10.18
N ASN A 10 -4.31 -9.78 -8.87
CA ASN A 10 -5.08 -9.02 -7.89
C ASN A 10 -5.08 -7.53 -8.23
N ILE A 11 -6.25 -6.91 -8.17
CA ILE A 11 -6.36 -5.49 -8.43
C ILE A 11 -5.93 -4.70 -7.22
N THR A 12 -4.65 -4.39 -7.12
CA THR A 12 -4.15 -3.62 -5.98
C THR A 12 -3.30 -2.46 -6.45
N ALA A 13 -3.16 -1.47 -5.56
CA ALA A 13 -2.36 -0.31 -5.87
C ALA A 13 -0.96 -0.87 -6.10
N THR A 14 -0.22 -0.32 -7.05
CA THR A 14 1.12 -0.83 -7.28
C THR A 14 1.99 0.22 -7.95
N TYR A 15 3.30 -0.03 -7.93
CA TYR A 15 4.23 0.87 -8.58
C TYR A 15 4.02 0.52 -10.04
N GLY A 16 4.28 1.48 -10.91
CA GLY A 16 4.10 1.25 -12.32
C GLY A 16 4.80 0.02 -12.82
N ASP A 17 5.03 -0.02 -14.11
CA ASP A 17 5.73 -1.13 -14.74
C ASP A 17 6.16 -0.57 -16.08
N LYS A 18 5.96 0.73 -16.22
CA LYS A 18 6.32 1.45 -17.42
C LYS A 18 7.60 2.23 -17.11
N TRP A 19 8.36 2.55 -18.14
CA TRP A 19 9.61 3.26 -17.95
C TRP A 19 9.53 4.76 -17.87
N LEU A 20 10.31 5.32 -16.96
CA LEU A 20 10.37 6.75 -16.74
C LEU A 20 11.74 7.24 -17.21
N ASP A 21 11.84 8.54 -17.52
CA ASP A 21 13.08 9.11 -18.00
C ASP A 21 13.80 9.94 -16.95
N ALA A 22 15.11 9.78 -16.87
CA ALA A 22 15.90 10.51 -15.89
C ALA A 22 17.28 10.81 -16.39
N LYS A 23 17.83 11.90 -15.91
CA LYS A 23 19.19 12.30 -16.26
C LYS A 23 20.05 11.42 -15.36
N SER A 24 21.30 11.19 -15.73
CA SER A 24 22.16 10.37 -14.89
C SER A 24 23.63 10.77 -14.94
N THR A 25 24.24 10.81 -13.78
CA THR A 25 25.65 11.15 -13.63
C THR A 25 26.22 10.23 -12.57
N TRP A 26 27.53 10.24 -12.37
CA TRP A 26 28.09 9.37 -11.35
C TRP A 26 29.16 9.98 -10.44
N TYR A 27 29.47 9.24 -9.38
CA TYR A 27 30.48 9.62 -8.39
C TYR A 27 31.37 8.43 -8.02
N GLY A 28 32.62 8.70 -7.66
CA GLY A 28 33.56 7.63 -7.30
C GLY A 28 34.47 8.01 -6.14
N GLY A 39 28.80 6.91 4.43
CA GLY A 39 28.09 7.97 5.12
C GLY A 39 26.95 8.64 4.35
N GLY A 40 26.07 7.84 3.74
CA GLY A 40 24.95 8.40 3.00
C GLY A 40 23.82 8.76 3.95
N ALA A 41 22.86 9.55 3.48
CA ALA A 41 21.73 9.96 4.31
C ALA A 41 20.93 8.79 4.89
N CYS A 42 21.00 7.65 4.23
CA CYS A 42 20.26 6.46 4.67
C CYS A 42 20.97 5.68 5.76
N GLY A 43 22.18 6.09 6.10
CA GLY A 43 22.92 5.39 7.14
C GLY A 43 23.45 4.01 6.82
N TYR A 44 23.57 3.66 5.56
CA TYR A 44 24.11 2.35 5.23
C TYR A 44 25.64 2.46 5.33
N LYS A 45 26.31 1.39 5.72
CA LYS A 45 27.77 1.44 5.88
C LYS A 45 28.66 0.85 4.79
N ASP A 46 28.81 -0.48 4.78
CA ASP A 46 29.68 -1.10 3.78
C ASP A 46 28.92 -1.41 2.50
N VAL A 47 28.73 -0.36 1.70
CA VAL A 47 28.00 -0.44 0.44
C VAL A 47 28.71 -1.13 -0.70
N ASP A 48 30.04 -1.28 -0.58
CA ASP A 48 30.81 -1.94 -1.62
C ASP A 48 30.64 -3.45 -1.46
N LYS A 49 30.33 -3.86 -0.23
CA LYS A 49 30.11 -5.26 0.11
C LYS A 49 28.64 -5.61 -0.02
N PRO A 50 28.30 -6.91 -0.02
CA PRO A 50 26.90 -7.32 -0.14
C PRO A 50 26.06 -6.72 0.97
N PRO A 51 24.74 -6.63 0.78
CA PRO A 51 24.03 -7.09 -0.42
C PRO A 51 24.02 -6.10 -1.60
N PHE A 52 24.33 -4.84 -1.33
CA PHE A 52 24.34 -3.82 -2.38
C PHE A 52 25.39 -4.05 -3.45
N SER A 53 26.64 -4.23 -3.01
CA SER A 53 27.75 -4.49 -3.91
C SER A 53 28.04 -3.41 -4.94
N GLY A 54 28.05 -2.16 -4.51
CA GLY A 54 28.35 -1.08 -5.43
C GLY A 54 27.19 -0.63 -6.28
N MET A 55 26.16 -1.47 -6.39
CA MET A 55 24.98 -1.13 -7.20
C MET A 55 24.14 -0.09 -6.42
N THR A 56 24.66 1.13 -6.31
CA THR A 56 23.97 2.14 -5.56
C THR A 56 23.94 3.48 -6.26
N GLY A 57 23.12 4.39 -5.74
CA GLY A 57 23.01 5.71 -6.34
C GLY A 57 22.24 6.73 -5.53
N CYS A 58 22.63 8.00 -5.65
CA CYS A 58 21.95 9.11 -4.96
C CYS A 58 20.62 9.32 -5.77
N GLY A 59 19.49 9.50 -5.11
CA GLY A 59 18.25 9.72 -5.85
C GLY A 59 17.63 11.05 -5.43
N ASN A 60 17.16 11.86 -6.37
CA ASN A 60 16.58 13.14 -5.95
C ASN A 60 15.20 13.01 -5.32
N THR A 61 14.80 14.07 -4.62
CA THR A 61 13.54 14.16 -3.89
C THR A 61 12.34 13.24 -4.21
N PRO A 62 11.94 13.08 -5.48
CA PRO A 62 10.79 12.18 -5.72
C PRO A 62 11.13 10.69 -5.60
N ILE A 63 12.42 10.39 -5.46
CA ILE A 63 12.89 9.02 -5.37
C ILE A 63 13.29 8.75 -3.93
N PHE A 64 14.01 9.71 -3.35
CA PHE A 64 14.46 9.62 -1.97
C PHE A 64 13.24 9.68 -1.04
N LYS A 65 12.30 10.55 -1.35
CA LYS A 65 11.08 10.72 -0.56
C LYS A 65 11.38 10.89 0.93
N SER A 66 12.28 11.82 1.22
CA SER A 66 12.69 12.12 2.59
C SER A 66 13.31 10.96 3.39
N GLY A 67 13.65 9.88 2.72
CA GLY A 67 14.24 8.74 3.40
C GLY A 67 13.39 7.50 3.23
N ARG A 68 12.10 7.73 3.07
CA ARG A 68 11.15 6.64 2.90
C ARG A 68 11.59 5.74 1.75
N GLY A 69 12.39 6.28 0.84
CA GLY A 69 12.85 5.50 -0.29
C GLY A 69 14.26 5.00 -0.20
N CYS A 70 14.75 4.79 1.02
CA CYS A 70 16.12 4.31 1.19
C CYS A 70 16.38 2.85 0.77
N GLY A 71 15.42 1.97 0.92
CA GLY A 71 15.73 0.63 0.46
C GLY A 71 15.53 0.51 -1.03
N SER A 72 14.81 1.46 -1.61
CA SER A 72 14.47 1.51 -3.03
C SER A 72 15.40 0.83 -4.01
N CYS A 73 14.82 0.01 -4.89
CA CYS A 73 15.58 -0.63 -5.97
C CYS A 73 14.93 -0.21 -7.27
N PHE A 74 15.74 0.08 -8.28
CA PHE A 74 15.19 0.45 -9.57
C PHE A 74 15.91 -0.29 -10.66
N GLU A 75 15.21 -0.56 -11.75
CA GLU A 75 15.83 -1.20 -12.88
C GLU A 75 16.22 -0.01 -13.68
N ILE A 76 17.41 -0.04 -14.25
CA ILE A 76 17.83 1.09 -15.06
C ILE A 76 18.51 0.55 -16.31
N LYS A 77 18.03 1.00 -17.45
CA LYS A 77 18.57 0.57 -18.73
C LYS A 77 19.03 1.85 -19.38
N CYS A 78 19.71 1.71 -20.49
CA CYS A 78 20.19 2.86 -21.21
C CYS A 78 20.40 2.53 -22.67
N THR A 79 20.08 3.47 -23.55
CA THR A 79 20.24 3.25 -24.99
C THR A 79 20.95 4.45 -25.61
N LYS A 80 21.12 5.50 -24.82
CA LYS A 80 21.75 6.74 -25.28
C LYS A 80 23.09 6.55 -25.98
N PRO A 81 24.23 6.67 -25.26
CA PRO A 81 25.46 6.48 -26.04
C PRO A 81 25.67 5.03 -26.49
N GLU A 82 26.42 4.87 -27.58
CA GLU A 82 26.70 3.57 -28.16
C GLU A 82 27.06 2.48 -27.17
N ALA A 83 27.84 2.82 -26.16
CA ALA A 83 28.26 1.86 -25.15
C ALA A 83 27.11 1.22 -24.34
N CYS A 84 25.95 1.87 -24.31
CA CYS A 84 24.80 1.36 -23.57
C CYS A 84 24.24 0.05 -24.11
N SER A 85 24.13 -0.93 -23.23
CA SER A 85 23.62 -2.25 -23.60
C SER A 85 22.15 -2.31 -23.93
N GLY A 86 21.37 -1.38 -23.42
CA GLY A 86 19.93 -1.40 -23.68
C GLY A 86 19.32 -2.44 -22.74
N GLU A 87 20.19 -3.03 -21.93
CA GLU A 87 19.80 -4.03 -20.93
C GLU A 87 19.66 -3.35 -19.56
N PRO A 88 18.69 -3.77 -18.74
CA PRO A 88 18.47 -3.19 -17.42
C PRO A 88 19.31 -3.79 -16.30
N VAL A 89 19.65 -2.96 -15.34
CA VAL A 89 20.45 -3.35 -14.18
C VAL A 89 19.77 -2.78 -12.94
N VAL A 90 19.78 -3.52 -11.84
CA VAL A 90 19.15 -3.05 -10.60
C VAL A 90 20.10 -2.28 -9.68
N VAL A 91 19.63 -1.11 -9.24
CA VAL A 91 20.38 -0.23 -8.36
C VAL A 91 19.63 -0.06 -7.02
N HIS A 92 20.35 0.08 -5.92
CA HIS A 92 19.69 0.28 -4.63
C HIS A 92 19.89 1.76 -4.30
N ILE A 93 18.83 2.47 -3.91
CA ILE A 93 18.99 3.89 -3.58
C ILE A 93 19.58 3.96 -2.19
N THR A 94 20.76 4.57 -2.05
CA THR A 94 21.39 4.64 -0.72
C THR A 94 21.60 6.05 -0.20
N ASP A 95 21.14 7.05 -0.96
CA ASP A 95 21.36 8.42 -0.53
C ASP A 95 20.42 9.45 -1.17
N ASP A 96 20.66 10.72 -0.83
CA ASP A 96 19.87 11.85 -1.32
C ASP A 96 20.62 12.70 -2.35
N ASN A 97 20.00 12.94 -3.50
CA ASN A 97 20.62 13.76 -4.54
C ASN A 97 20.10 15.17 -4.36
N GLU A 98 20.82 15.95 -3.56
CA GLU A 98 20.44 17.32 -3.26
C GLU A 98 20.50 18.31 -4.42
N GLU A 99 21.32 18.02 -5.43
CA GLU A 99 21.43 18.94 -6.57
C GLU A 99 20.97 18.34 -7.89
N PRO A 100 19.66 18.11 -8.05
CA PRO A 100 19.14 17.54 -9.29
C PRO A 100 19.24 18.52 -10.46
N ILE A 101 19.32 17.97 -11.68
CA ILE A 101 19.41 18.77 -12.89
C ILE A 101 18.30 18.45 -13.88
N ALA A 102 17.31 17.68 -13.44
CA ALA A 102 16.18 17.28 -14.27
C ALA A 102 15.11 16.79 -13.32
N PRO A 103 13.87 16.60 -13.82
CA PRO A 103 12.81 16.11 -12.93
C PRO A 103 13.28 14.93 -12.09
N TYR A 104 13.86 13.94 -12.75
CA TYR A 104 14.39 12.77 -12.07
C TYR A 104 15.87 12.75 -12.33
N HIS A 105 16.68 12.66 -11.28
CA HIS A 105 18.11 12.64 -11.48
C HIS A 105 18.79 11.59 -10.63
N PHE A 106 19.37 10.57 -11.27
CA PHE A 106 20.08 9.52 -10.55
C PHE A 106 21.56 9.83 -10.54
N ASP A 107 22.15 9.87 -9.36
CA ASP A 107 23.60 10.09 -9.28
C ASP A 107 24.11 8.72 -8.85
N LEU A 108 24.45 7.89 -9.84
CA LEU A 108 24.91 6.54 -9.58
C LEU A 108 26.37 6.50 -9.20
N SER A 109 26.82 5.36 -8.70
CA SER A 109 28.22 5.21 -8.35
C SER A 109 28.89 4.85 -9.66
N GLY A 110 30.22 4.93 -9.71
CA GLY A 110 30.92 4.59 -10.93
C GLY A 110 30.63 3.17 -11.37
N HIS A 111 30.61 2.25 -10.41
CA HIS A 111 30.33 0.86 -10.75
C HIS A 111 28.95 0.70 -11.37
N ALA A 112 27.96 1.28 -10.71
CA ALA A 112 26.58 1.21 -11.17
C ALA A 112 26.41 1.85 -12.53
N PHE A 113 26.91 3.07 -12.69
CA PHE A 113 26.80 3.79 -13.95
C PHE A 113 27.31 2.88 -15.06
N GLY A 114 28.56 2.47 -14.93
CA GLY A 114 29.18 1.63 -15.94
C GLY A 114 28.48 0.30 -16.18
N ALA A 115 27.79 -0.20 -15.16
CA ALA A 115 27.08 -1.46 -15.25
C ALA A 115 26.01 -1.53 -16.34
N MET A 116 25.67 -0.39 -16.96
CA MET A 116 24.65 -0.35 -18.00
C MET A 116 25.25 -0.55 -19.40
N ALA A 117 26.56 -0.68 -19.46
CA ALA A 117 27.24 -0.84 -20.75
C ALA A 117 27.34 -2.28 -21.25
N LYS A 118 27.79 -2.42 -22.49
CA LYS A 118 27.95 -3.75 -23.08
C LYS A 118 29.18 -4.36 -22.41
N LYS A 119 29.15 -5.67 -22.18
CA LYS A 119 30.27 -6.37 -21.54
C LYS A 119 31.60 -5.78 -21.99
N GLY A 120 32.33 -5.18 -21.06
CA GLY A 120 33.62 -4.61 -21.40
C GLY A 120 33.68 -3.14 -21.76
N ASP A 121 32.53 -2.47 -21.80
CA ASP A 121 32.50 -1.05 -22.14
C ASP A 121 32.19 -0.18 -20.91
N GLU A 122 32.17 -0.81 -19.75
CA GLU A 122 31.85 -0.13 -18.50
C GLU A 122 32.65 1.15 -18.30
N GLN A 123 33.86 1.22 -18.84
CA GLN A 123 34.66 2.41 -18.67
C GLN A 123 34.38 3.41 -19.79
N LYS A 124 34.20 2.89 -21.00
CA LYS A 124 33.92 3.73 -22.15
C LYS A 124 32.70 4.57 -21.85
N LEU A 125 31.69 3.92 -21.27
CA LEU A 125 30.44 4.56 -20.93
C LEU A 125 30.60 5.54 -19.77
N ARG A 126 31.31 5.10 -18.74
CA ARG A 126 31.52 5.92 -17.56
C ARG A 126 32.18 7.23 -17.96
N SER A 127 32.75 7.26 -19.16
CA SER A 127 33.44 8.46 -19.64
C SER A 127 32.47 9.42 -20.29
N ALA A 128 31.21 9.00 -20.40
CA ALA A 128 30.18 9.84 -21.01
C ALA A 128 29.75 10.99 -20.10
N GLY A 129 30.09 10.90 -18.81
CA GLY A 129 29.73 11.95 -17.86
C GLY A 129 28.26 11.93 -17.49
N GLU A 130 27.42 12.35 -18.43
CA GLU A 130 25.97 12.36 -18.23
C GLU A 130 25.32 11.58 -19.36
N LEU A 131 24.14 11.05 -19.10
CA LEU A 131 23.44 10.31 -20.13
C LEU A 131 21.98 10.26 -19.75
N GLU A 132 21.15 9.78 -20.67
CA GLU A 132 19.72 9.70 -20.43
C GLU A 132 19.41 8.24 -20.19
N LEU A 133 18.78 7.93 -19.07
CA LEU A 133 18.41 6.53 -18.82
C LEU A 133 16.93 6.40 -18.56
N GLN A 134 16.46 5.16 -18.56
CA GLN A 134 15.08 4.87 -18.30
C GLN A 134 15.08 4.06 -17.02
N PHE A 135 14.06 4.24 -16.20
CA PHE A 135 13.99 3.50 -14.96
C PHE A 135 12.57 3.18 -14.56
N ARG A 136 12.45 2.21 -13.66
CA ARG A 136 11.16 1.81 -13.14
C ARG A 136 11.45 1.07 -11.85
N ARG A 137 10.66 1.36 -10.80
CA ARG A 137 10.90 0.70 -9.52
C ARG A 137 10.55 -0.79 -9.57
N VAL A 138 11.35 -1.60 -8.89
CA VAL A 138 11.17 -3.04 -8.88
C VAL A 138 11.51 -3.59 -7.51
N LYS A 139 10.99 -4.78 -7.21
CA LYS A 139 11.25 -5.43 -5.93
C LYS A 139 12.74 -5.73 -5.91
N CYS A 140 13.37 -5.45 -4.76
CA CYS A 140 14.81 -5.70 -4.64
C CYS A 140 15.07 -7.18 -4.68
N LYS A 141 16.28 -7.57 -5.06
CA LYS A 141 16.63 -8.98 -5.06
C LYS A 141 17.95 -9.08 -4.32
N TYR A 142 17.87 -9.49 -3.06
CA TYR A 142 19.06 -9.63 -2.21
C TYR A 142 19.58 -11.07 -2.26
N PRO A 143 20.91 -11.25 -2.17
CA PRO A 143 21.43 -12.62 -2.20
C PRO A 143 20.94 -13.35 -0.96
N GLU A 144 20.54 -14.60 -1.11
CA GLU A 144 20.03 -15.39 0.01
C GLU A 144 20.98 -15.34 1.19
N GLY A 145 20.42 -15.44 2.39
CA GLY A 145 21.25 -15.38 3.57
C GLY A 145 21.23 -13.98 4.13
N THR A 146 20.72 -13.05 3.30
CA THR A 146 20.60 -11.66 3.69
C THR A 146 19.37 -11.56 4.56
N LYS A 147 19.51 -11.00 5.75
CA LYS A 147 18.37 -10.88 6.65
C LYS A 147 18.06 -9.46 7.02
N VAL A 148 16.77 -9.16 7.16
CA VAL A 148 16.35 -7.82 7.54
C VAL A 148 17.09 -7.44 8.82
N THR A 149 17.95 -6.43 8.72
CA THR A 149 18.76 -5.98 9.84
C THR A 149 18.24 -4.70 10.51
N PHE A 150 18.22 -4.70 11.84
CA PHE A 150 17.77 -3.54 12.57
C PHE A 150 18.98 -2.91 13.23
N HIS A 151 19.34 -1.70 12.80
CA HIS A 151 20.49 -1.02 13.36
C HIS A 151 20.10 -0.01 14.40
N VAL A 152 20.63 -0.15 15.61
CA VAL A 152 20.35 0.83 16.66
C VAL A 152 21.29 2.03 16.48
N GLU A 153 20.75 3.14 15.98
CA GLU A 153 21.52 4.35 15.71
C GLU A 153 22.21 4.87 16.96
N LYS A 154 23.33 5.58 16.79
CA LYS A 154 24.03 6.12 17.95
C LYS A 154 23.20 7.21 18.58
N GLY A 155 23.43 7.45 19.86
CA GLY A 155 22.68 8.46 20.57
C GLY A 155 21.53 7.82 21.31
N SER A 156 21.40 6.51 21.11
CA SER A 156 20.36 5.76 21.77
C SER A 156 20.84 5.45 23.17
N ASN A 157 19.99 5.75 24.14
CA ASN A 157 20.30 5.47 25.52
C ASN A 157 19.10 4.68 26.04
N PRO A 158 19.07 4.35 27.34
CA PRO A 158 17.92 3.59 27.81
C PRO A 158 16.58 4.33 27.92
N ASN A 159 16.49 5.51 27.32
CA ASN A 159 15.24 6.29 27.35
C ASN A 159 14.95 6.89 26.01
N TYR A 160 15.78 6.54 25.03
CA TYR A 160 15.66 7.05 23.68
C TYR A 160 16.17 5.98 22.73
N LEU A 161 15.38 5.65 21.73
CA LEU A 161 15.80 4.63 20.79
C LEU A 161 15.58 5.16 19.39
N ALA A 162 16.57 4.98 18.53
CA ALA A 162 16.46 5.43 17.15
C ALA A 162 17.03 4.31 16.30
N LEU A 163 16.22 3.70 15.43
CA LEU A 163 16.74 2.61 14.63
C LEU A 163 16.40 2.60 13.14
N LEU A 164 17.20 1.84 12.41
CA LEU A 164 17.04 1.65 10.97
C LEU A 164 16.55 0.22 10.74
N VAL A 165 15.77 0.04 9.69
CA VAL A 165 15.25 -1.27 9.34
C VAL A 165 15.80 -1.53 7.95
N LYS A 166 16.99 -2.12 7.89
CA LYS A 166 17.65 -2.41 6.62
C LYS A 166 17.20 -3.68 5.92
N TYR A 167 17.50 -3.77 4.64
CA TYR A 167 17.21 -4.92 3.81
C TYR A 167 15.82 -5.55 3.91
N VAL A 168 14.78 -4.73 3.90
CA VAL A 168 13.42 -5.24 3.94
C VAL A 168 13.00 -5.34 2.48
N ASN A 169 13.18 -6.50 1.87
CA ASN A 169 12.84 -6.66 0.45
C ASN A 169 11.33 -6.54 0.21
N GLY A 170 10.63 -6.02 1.20
CA GLY A 170 9.19 -5.87 1.09
C GLY A 170 8.66 -5.33 -0.22
N ASP A 171 7.34 -5.12 -0.26
CA ASP A 171 6.70 -4.61 -1.45
C ASP A 171 6.92 -3.10 -1.60
N GLY A 172 6.56 -2.35 -0.56
CA GLY A 172 6.73 -0.91 -0.61
C GLY A 172 7.64 -0.41 0.48
N ASP A 173 7.51 0.87 0.79
CA ASP A 173 8.31 1.50 1.81
C ASP A 173 7.72 1.11 3.16
N VAL A 174 8.56 0.93 4.19
CA VAL A 174 7.98 0.63 5.49
C VAL A 174 7.41 1.96 5.99
N VAL A 175 6.13 1.94 6.34
CA VAL A 175 5.46 3.17 6.80
C VAL A 175 5.24 3.25 8.29
N ALA A 176 5.65 2.22 9.02
CA ALA A 176 5.49 2.25 10.47
C ALA A 176 6.35 1.20 11.15
N VAL A 177 6.92 1.56 12.30
CA VAL A 177 7.74 0.64 13.07
C VAL A 177 7.36 0.74 14.54
N ASP A 178 7.02 -0.40 15.14
CA ASP A 178 6.61 -0.47 16.56
C ASP A 178 7.49 -1.47 17.28
N ILE A 179 7.61 -1.32 18.60
CA ILE A 179 8.39 -2.24 19.39
C ILE A 179 7.58 -2.69 20.60
N LYS A 180 7.93 -3.86 21.15
CA LYS A 180 7.23 -4.40 22.31
C LYS A 180 8.25 -5.12 23.16
N GLU A 181 8.28 -4.80 24.45
CA GLU A 181 9.24 -5.43 25.36
C GLU A 181 8.72 -6.78 25.84
N LYS A 182 9.55 -7.81 25.68
CA LYS A 182 9.20 -9.16 26.10
C LYS A 182 8.62 -9.13 27.51
N GLY A 183 7.30 -9.09 27.63
CA GLY A 183 6.70 -9.06 28.95
C GLY A 183 5.47 -8.19 29.01
N LYS A 184 5.48 -7.09 28.26
CA LYS A 184 4.35 -6.17 28.24
C LYS A 184 3.48 -6.53 27.05
N ASP A 185 2.34 -5.87 26.90
CA ASP A 185 1.43 -6.18 25.79
C ASP A 185 1.15 -5.00 24.87
N LYS A 186 1.59 -3.81 25.26
CA LYS A 186 1.38 -2.61 24.46
C LYS A 186 2.49 -2.30 23.46
N TRP A 187 2.10 -1.82 22.29
CA TRP A 187 3.05 -1.47 21.24
C TRP A 187 3.51 -0.03 21.37
N ILE A 188 4.82 0.17 21.28
CA ILE A 188 5.40 1.51 21.34
C ILE A 188 5.61 1.94 19.90
N GLU A 189 4.92 3.01 19.51
CA GLU A 189 5.01 3.51 18.15
C GLU A 189 6.15 4.49 17.92
N LEU A 190 7.02 4.15 16.98
CA LEU A 190 8.15 4.99 16.64
C LEU A 190 7.76 6.04 15.61
N LYS A 191 8.37 7.22 15.70
CA LYS A 191 8.08 8.29 14.76
C LYS A 191 9.09 8.31 13.63
N GLU A 192 8.60 8.63 12.45
CA GLU A 192 9.42 8.67 11.26
C GLU A 192 10.16 10.01 11.18
N SER A 193 11.41 9.97 10.74
CA SER A 193 12.19 11.18 10.60
C SER A 193 13.05 11.01 9.37
N TRP A 194 13.64 12.12 8.90
CA TRP A 194 14.47 12.09 7.72
C TRP A 194 15.47 10.94 7.78
N GLY A 195 15.72 10.33 6.62
CA GLY A 195 16.64 9.21 6.53
C GLY A 195 16.08 7.88 6.97
N ALA A 196 14.75 7.77 7.02
CA ALA A 196 14.10 6.53 7.44
C ALA A 196 14.59 6.03 8.79
N ILE A 197 14.81 6.96 9.71
CA ILE A 197 15.27 6.65 11.07
C ILE A 197 14.08 6.76 12.02
N TRP A 198 13.65 5.64 12.61
CA TRP A 198 12.52 5.69 13.52
C TRP A 198 12.98 6.02 14.93
N ARG A 199 12.31 6.96 15.58
CA ARG A 199 12.74 7.40 16.92
C ARG A 199 11.66 7.42 18.00
N ILE A 200 12.07 7.12 19.22
CA ILE A 200 11.15 7.16 20.35
C ILE A 200 11.84 7.54 21.67
N ASP A 201 11.26 8.48 22.40
CA ASP A 201 11.82 8.84 23.69
C ASP A 201 10.72 8.56 24.69
N THR A 202 11.06 7.91 25.79
CA THR A 202 10.07 7.55 26.81
C THR A 202 10.57 7.72 28.23
N PRO A 203 9.65 7.65 29.21
CA PRO A 203 10.02 7.80 30.62
C PRO A 203 10.51 6.46 31.16
N ASP A 204 9.89 5.39 30.65
CA ASP A 204 10.21 4.02 31.05
C ASP A 204 11.47 3.53 30.35
N LYS A 205 12.35 2.90 31.11
CA LYS A 205 13.58 2.37 30.56
C LYS A 205 13.30 1.42 29.40
N LEU A 206 14.19 1.42 28.42
CA LEU A 206 14.10 0.54 27.26
C LEU A 206 15.10 -0.56 27.52
N THR A 207 14.80 -1.38 28.53
CA THR A 207 15.69 -2.46 28.94
C THR A 207 15.45 -3.79 28.25
N GLY A 208 14.46 -4.53 28.74
CA GLY A 208 14.11 -5.83 28.22
C GLY A 208 14.14 -5.96 26.72
N PRO A 209 14.24 -7.19 26.18
CA PRO A 209 14.28 -7.47 24.74
C PRO A 209 13.05 -6.92 24.04
N PHE A 210 13.25 -6.30 22.89
CA PHE A 210 12.13 -5.75 22.15
C PHE A 210 11.85 -6.52 20.89
N THR A 211 10.58 -6.54 20.51
CA THR A 211 10.13 -7.19 19.31
C THR A 211 9.83 -6.02 18.38
N VAL A 212 10.39 -6.06 17.19
CA VAL A 212 10.17 -4.98 16.24
C VAL A 212 9.16 -5.42 15.21
N ARG A 213 8.11 -4.62 15.06
CA ARG A 213 7.06 -4.89 14.10
C ARG A 213 7.02 -3.74 13.12
N TYR A 214 7.26 -4.03 11.85
CA TYR A 214 7.25 -3.00 10.83
C TYR A 214 6.23 -3.35 9.76
N THR A 215 5.42 -2.37 9.36
CA THR A 215 4.43 -2.59 8.33
C THR A 215 4.81 -1.83 7.06
N THR A 216 4.59 -2.46 5.92
CA THR A 216 4.91 -1.86 4.62
C THR A 216 3.71 -1.14 4.00
N GLU A 217 3.98 -0.36 2.95
CA GLU A 217 2.96 0.42 2.27
C GLU A 217 1.64 -0.34 2.12
N GLY A 218 1.72 -1.59 1.66
CA GLY A 218 0.53 -2.39 1.50
C GLY A 218 -0.30 -2.28 2.76
N GLY A 219 0.12 -3.00 3.79
CA GLY A 219 -0.57 -2.98 5.06
C GLY A 219 -0.03 -4.17 5.83
N THR A 220 0.88 -4.87 5.17
CA THR A 220 1.52 -6.06 5.70
C THR A 220 2.41 -5.85 6.93
N LYS A 221 1.87 -6.15 8.10
CA LYS A 221 2.61 -6.03 9.35
C LYS A 221 3.40 -7.32 9.60
N THR A 222 4.73 -7.23 9.59
CA THR A 222 5.54 -8.40 9.85
C THR A 222 6.35 -8.12 11.13
N GLU A 223 6.50 -9.15 11.97
CA GLU A 223 7.21 -9.01 13.24
C GLU A 223 8.51 -9.78 13.36
N ALA A 224 9.46 -9.19 14.09
CA ALA A 224 10.75 -9.81 14.32
C ALA A 224 10.82 -9.84 15.84
N GLU A 225 10.43 -10.97 16.41
CA GLU A 225 10.41 -11.15 17.86
C GLU A 225 11.77 -11.11 18.55
N ASP A 226 11.82 -10.34 19.63
CA ASP A 226 13.02 -10.20 20.44
C ASP A 226 14.33 -10.10 19.67
N VAL A 227 14.35 -9.27 18.62
CA VAL A 227 15.55 -9.12 17.82
C VAL A 227 16.57 -8.22 18.50
N ILE A 228 16.07 -7.26 19.25
CA ILE A 228 16.93 -6.34 20.00
C ILE A 228 17.00 -6.92 21.41
N PRO A 229 18.16 -7.50 21.77
CA PRO A 229 18.40 -8.13 23.07
C PRO A 229 18.39 -7.21 24.28
N GLU A 230 18.22 -7.79 25.45
CA GLU A 230 18.25 -7.00 26.67
C GLU A 230 19.69 -6.53 26.67
N GLY A 231 19.94 -5.35 27.24
CA GLY A 231 21.30 -4.84 27.28
C GLY A 231 21.91 -4.71 25.90
N TRP A 232 21.22 -4.02 25.02
CA TRP A 232 21.66 -3.77 23.65
C TRP A 232 22.57 -2.55 23.69
N LYS A 233 23.29 -2.29 22.62
CA LYS A 233 24.18 -1.14 22.60
C LYS A 233 23.92 -0.23 21.41
N ALA A 234 24.13 1.07 21.61
CA ALA A 234 23.93 2.06 20.57
C ALA A 234 24.90 1.84 19.42
N ASP A 235 24.45 2.18 18.21
CA ASP A 235 25.25 2.03 17.00
C ASP A 235 25.68 0.57 16.82
N THR A 236 24.71 -0.32 16.84
CA THR A 236 24.96 -1.75 16.71
C THR A 236 23.84 -2.37 15.89
N SER A 237 24.17 -3.30 15.01
CA SER A 237 23.15 -3.93 14.17
C SER A 237 22.77 -5.33 14.65
N TYR A 238 21.47 -5.57 14.77
CA TYR A 238 20.97 -6.88 15.19
C TYR A 238 20.06 -7.36 14.11
N GLU A 239 20.25 -8.62 13.68
CA GLU A 239 19.42 -9.19 12.63
C GLU A 239 18.46 -10.26 13.12
N SER A 240 17.46 -10.55 12.30
CA SER A 240 16.45 -11.55 12.63
C SER A 240 16.76 -12.93 12.06
N PRO B 3 16.08 24.32 -6.10
CA PRO B 3 15.73 23.32 -7.16
C PRO B 3 15.20 24.04 -8.40
N LYS B 4 16.08 24.43 -9.34
CA LYS B 4 15.60 25.14 -10.53
C LYS B 4 14.65 24.31 -11.37
N VAL B 5 15.06 23.08 -11.66
CA VAL B 5 14.20 22.21 -12.43
C VAL B 5 13.22 21.56 -11.46
N PRO B 6 11.92 21.78 -11.67
CA PRO B 6 10.93 21.19 -10.76
C PRO B 6 11.09 19.68 -10.72
N PRO B 7 11.00 19.07 -9.53
CA PRO B 7 11.13 17.63 -9.44
C PRO B 7 9.96 16.97 -10.16
N GLY B 8 10.24 15.84 -10.81
CA GLY B 8 9.20 15.12 -11.51
C GLY B 8 8.17 14.66 -10.49
N PRO B 9 7.14 13.93 -10.91
CA PRO B 9 6.15 13.49 -9.93
C PRO B 9 6.68 12.44 -8.95
N ASN B 10 6.19 12.49 -7.72
CA ASN B 10 6.58 11.54 -6.69
C ASN B 10 6.44 10.14 -7.28
N ILE B 11 7.29 9.23 -6.85
CA ILE B 11 7.22 7.88 -7.36
C ILE B 11 6.57 6.99 -6.31
N THR B 12 5.25 6.90 -6.41
CA THR B 12 4.43 6.12 -5.49
C THR B 12 3.43 5.19 -6.21
N ALA B 13 2.99 4.15 -5.49
CA ALA B 13 2.06 3.16 -6.06
C ALA B 13 0.60 3.61 -6.14
N THR B 14 0.00 3.44 -7.31
CA THR B 14 -1.38 3.79 -7.55
C THR B 14 -2.04 2.66 -8.33
N TYR B 15 -3.37 2.71 -8.40
CA TYR B 15 -4.09 1.72 -9.17
C TYR B 15 -3.88 2.20 -10.59
N GLY B 16 -3.92 1.27 -11.54
CA GLY B 16 -3.70 1.63 -12.92
C GLY B 16 -4.55 2.78 -13.40
N ASP B 17 -4.70 2.86 -14.70
CA ASP B 17 -5.54 3.87 -15.30
C ASP B 17 -5.78 3.34 -16.69
N LYS B 18 -5.38 2.09 -16.90
CA LYS B 18 -5.57 1.40 -18.17
C LYS B 18 -6.72 0.44 -17.97
N TRP B 19 -7.35 0.04 -19.07
CA TRP B 19 -8.49 -0.85 -18.98
C TRP B 19 -8.18 -2.32 -18.99
N LEU B 20 -8.91 -3.06 -18.17
CA LEU B 20 -8.74 -4.50 -18.06
C LEU B 20 -9.98 -5.17 -18.64
N ASP B 21 -9.85 -6.44 -19.01
CA ASP B 21 -10.95 -7.17 -19.60
C ASP B 21 -11.59 -8.14 -18.63
N ALA B 22 -12.92 -8.23 -18.65
CA ALA B 22 -13.62 -9.13 -17.77
C ALA B 22 -14.91 -9.60 -18.38
N LYS B 23 -15.33 -10.80 -18.02
CA LYS B 23 -16.57 -11.38 -18.49
C LYS B 23 -17.60 -10.70 -17.60
N SER B 24 -18.86 -10.64 -18.04
CA SER B 24 -19.89 -10.02 -17.21
C SER B 24 -21.26 -10.64 -17.37
N THR B 25 -21.93 -10.87 -16.24
CA THR B 25 -23.27 -11.45 -16.21
C THR B 25 -24.04 -10.69 -15.14
N TRP B 26 -25.34 -10.95 -15.02
CA TRP B 26 -26.10 -10.23 -14.00
C TRP B 26 -27.10 -11.05 -13.22
N TYR B 27 -27.59 -10.44 -12.13
CA TYR B 27 -28.58 -11.04 -11.24
C TYR B 27 -29.68 -10.03 -10.86
N GLY B 28 -30.88 -10.52 -10.60
CA GLY B 28 -31.99 -9.63 -10.23
C GLY B 28 -32.89 -10.25 -9.17
N GLY B 39 -28.07 -8.93 1.83
CA GLY B 39 -27.25 -9.92 2.50
C GLY B 39 -25.97 -10.34 1.76
N GLY B 40 -25.21 -9.37 1.26
CA GLY B 40 -23.97 -9.69 0.56
C GLY B 40 -22.85 -9.93 1.57
N ALA B 41 -21.76 -10.53 1.12
CA ALA B 41 -20.63 -10.82 1.99
C ALA B 41 -20.07 -9.58 2.69
N CYS B 42 -20.30 -8.42 2.08
CA CYS B 42 -19.79 -7.17 2.62
C CYS B 42 -20.67 -6.59 3.70
N GLY B 43 -21.80 -7.22 3.96
CA GLY B 43 -22.70 -6.73 4.99
C GLY B 43 -23.43 -5.43 4.72
N TYR B 44 -23.54 -5.01 3.46
CA TYR B 44 -24.26 -3.78 3.17
C TYR B 44 -25.74 -4.12 3.15
N LYS B 45 -26.59 -3.19 3.57
CA LYS B 45 -28.02 -3.49 3.64
C LYS B 45 -28.94 -2.97 2.52
N ASP B 46 -29.30 -1.69 2.57
CA ASP B 46 -30.20 -1.15 1.54
C ASP B 46 -29.44 -0.66 0.34
N VAL B 47 -29.05 -1.61 -0.51
CA VAL B 47 -28.26 -1.34 -1.71
C VAL B 47 -29.01 -0.70 -2.86
N ASP B 48 -30.34 -0.75 -2.81
CA ASP B 48 -31.16 -0.14 -3.86
C ASP B 48 -31.25 1.35 -3.59
N LYS B 49 -31.05 1.72 -2.34
CA LYS B 49 -31.09 3.11 -1.90
C LYS B 49 -29.69 3.70 -1.92
N PRO B 50 -29.56 5.03 -1.84
CA PRO B 50 -28.24 5.68 -1.84
C PRO B 50 -27.39 5.11 -0.70
N PRO B 51 -26.06 5.25 -0.81
CA PRO B 51 -25.38 5.91 -1.93
C PRO B 51 -25.16 5.02 -3.15
N PHE B 52 -25.28 3.70 -2.98
CA PHE B 52 -25.05 2.76 -4.08
C PHE B 52 -26.06 2.90 -5.21
N SER B 53 -27.34 2.85 -4.85
CA SER B 53 -28.44 3.00 -5.80
C SER B 53 -28.50 1.96 -6.90
N GLY B 54 -28.32 0.69 -6.55
CA GLY B 54 -28.38 -0.35 -7.54
C GLY B 54 -27.11 -0.56 -8.35
N MET B 55 -26.22 0.43 -8.36
CA MET B 55 -24.97 0.33 -9.09
C MET B 55 -24.02 -0.60 -8.32
N THR B 56 -24.35 -1.88 -8.29
CA THR B 56 -23.55 -2.84 -7.55
C THR B 56 -23.26 -4.11 -8.32
N GLY B 57 -22.33 -4.91 -7.80
CA GLY B 57 -21.99 -6.16 -8.46
C GLY B 57 -21.11 -7.08 -7.65
N CYS B 58 -21.24 -8.39 -7.89
CA CYS B 58 -20.44 -9.41 -7.22
C CYS B 58 -19.07 -9.37 -7.96
N GLY B 59 -17.96 -9.40 -7.22
CA GLY B 59 -16.65 -9.38 -7.87
C GLY B 59 -15.84 -10.61 -7.49
N ASN B 60 -15.18 -11.27 -8.45
CA ASN B 60 -14.45 -12.47 -8.07
C ASN B 60 -13.15 -12.18 -7.33
N THR B 61 -12.62 -13.21 -6.67
CA THR B 61 -11.42 -13.14 -5.86
C THR B 61 -10.38 -12.02 -6.05
N PRO B 62 -9.94 -11.71 -7.29
CA PRO B 62 -8.94 -10.64 -7.40
C PRO B 62 -9.51 -9.23 -7.23
N ILE B 63 -10.84 -9.16 -7.15
CA ILE B 63 -11.51 -7.89 -7.01
C ILE B 63 -12.02 -7.79 -5.59
N PHE B 64 -12.60 -8.88 -5.12
CA PHE B 64 -13.15 -8.94 -3.76
C PHE B 64 -12.01 -8.88 -2.76
N LYS B 65 -10.93 -9.57 -3.06
CA LYS B 65 -9.75 -9.59 -2.19
C LYS B 65 -10.12 -9.88 -0.73
N SER B 66 -10.86 -10.97 -0.56
CA SER B 66 -11.30 -11.44 0.75
C SER B 66 -12.12 -10.45 1.57
N GLY B 67 -12.60 -9.38 0.93
CA GLY B 67 -13.40 -8.39 1.64
C GLY B 67 -12.75 -7.03 1.61
N ARG B 68 -11.42 -7.04 1.52
CA ARG B 68 -10.66 -5.79 1.48
C ARG B 68 -11.18 -4.91 0.35
N GLY B 69 -11.84 -5.51 -0.63
CA GLY B 69 -12.35 -4.75 -1.75
C GLY B 69 -13.84 -4.48 -1.73
N CYS B 70 -14.41 -4.41 -0.54
CA CYS B 70 -15.84 -4.17 -0.42
C CYS B 70 -16.31 -2.75 -0.78
N GLY B 71 -15.51 -1.74 -0.50
CA GLY B 71 -15.98 -0.43 -0.91
C GLY B 71 -15.72 -0.19 -2.40
N SER B 72 -14.81 -0.97 -2.97
CA SER B 72 -14.40 -0.86 -4.37
C SER B 72 -15.38 -0.28 -5.37
N CYS B 73 -14.90 0.66 -6.17
CA CYS B 73 -15.71 1.24 -7.24
C CYS B 73 -14.92 1.01 -8.54
N PHE B 74 -15.62 0.67 -9.61
CA PHE B 74 -14.94 0.46 -10.87
C PHE B 74 -15.70 1.17 -11.98
N GLU B 75 -14.99 1.61 -12.99
CA GLU B 75 -15.64 2.24 -14.12
C GLU B 75 -15.78 1.06 -15.02
N ILE B 76 -16.92 0.93 -15.66
CA ILE B 76 -17.10 -0.18 -16.57
C ILE B 76 -17.79 0.32 -17.81
N LYS B 77 -17.18 0.04 -18.94
CA LYS B 77 -17.70 0.44 -20.24
C LYS B 77 -17.89 -0.84 -21.00
N CYS B 78 -18.54 -0.74 -22.14
CA CYS B 78 -18.77 -1.91 -22.94
C CYS B 78 -18.95 -1.54 -24.39
N THR B 79 -18.42 -2.35 -25.30
CA THR B 79 -18.55 -2.07 -26.73
C THR B 79 -19.02 -3.32 -27.47
N LYS B 80 -19.08 -4.43 -26.74
CA LYS B 80 -19.48 -5.72 -27.31
C LYS B 80 -20.79 -5.70 -28.08
N PRO B 81 -21.94 -6.05 -27.45
CA PRO B 81 -23.13 -6.00 -28.31
C PRO B 81 -23.53 -4.57 -28.69
N GLU B 82 -24.24 -4.47 -29.81
CA GLU B 82 -24.69 -3.18 -30.34
C GLU B 82 -25.27 -2.23 -29.30
N ALA B 83 -26.07 -2.76 -28.38
CA ALA B 83 -26.69 -1.93 -27.35
C ALA B 83 -25.70 -1.19 -26.43
N CYS B 84 -24.46 -1.65 -26.36
CA CYS B 84 -23.46 -1.01 -25.52
C CYS B 84 -23.10 0.40 -25.94
N SER B 85 -23.17 1.32 -25.00
CA SER B 85 -22.87 2.73 -25.27
C SER B 85 -21.40 3.04 -25.52
N GLY B 86 -20.50 2.23 -24.99
CA GLY B 86 -19.09 2.51 -25.17
C GLY B 86 -18.70 3.56 -24.14
N GLU B 87 -19.68 3.92 -23.32
CA GLU B 87 -19.54 4.91 -22.25
C GLU B 87 -19.37 4.17 -20.93
N PRO B 88 -18.53 4.69 -20.02
CA PRO B 88 -18.29 4.05 -18.72
C PRO B 88 -19.28 4.45 -17.64
N VAL B 89 -19.55 3.51 -16.74
CA VAL B 89 -20.47 3.72 -15.63
C VAL B 89 -19.78 3.17 -14.37
N VAL B 90 -19.98 3.82 -13.23
CA VAL B 90 -19.36 3.37 -11.98
C VAL B 90 -20.21 2.40 -11.18
N VAL B 91 -19.58 1.30 -10.76
CA VAL B 91 -20.23 0.27 -9.98
C VAL B 91 -19.54 0.14 -8.61
N HIS B 92 -20.28 -0.21 -7.57
CA HIS B 92 -19.69 -0.40 -6.26
C HIS B 92 -19.67 -1.90 -6.02
N ILE B 93 -18.54 -2.46 -5.59
CA ILE B 93 -18.48 -3.90 -5.35
C ILE B 93 -19.13 -4.14 -4.01
N THR B 94 -20.17 -4.95 -3.98
CA THR B 94 -20.88 -5.22 -2.73
C THR B 94 -20.89 -6.68 -2.30
N ASP B 95 -20.24 -7.54 -3.08
CA ASP B 95 -20.25 -8.96 -2.74
C ASP B 95 -19.13 -9.77 -3.36
N ASP B 96 -19.16 -11.09 -3.11
CA ASP B 96 -18.16 -12.04 -3.60
C ASP B 96 -18.71 -12.92 -4.72
N ASN B 97 -17.99 -12.97 -5.84
CA ASN B 97 -18.41 -13.81 -6.96
C ASN B 97 -17.67 -15.14 -6.84
N GLU B 98 -18.29 -16.07 -6.12
CA GLU B 98 -17.71 -17.38 -5.88
C GLU B 98 -17.56 -18.27 -7.10
N GLU B 99 -18.36 -18.06 -8.14
CA GLU B 99 -18.25 -18.91 -9.33
C GLU B 99 -17.82 -18.16 -10.58
N PRO B 100 -16.55 -17.72 -10.64
CA PRO B 100 -16.06 -17.00 -11.82
C PRO B 100 -15.93 -17.90 -13.05
N ILE B 101 -16.01 -17.29 -14.23
CA ILE B 101 -15.93 -18.02 -15.48
C ILE B 101 -14.84 -17.45 -16.38
N ALA B 102 -14.02 -16.57 -15.83
CA ALA B 102 -12.92 -15.94 -16.56
C ALA B 102 -11.98 -15.35 -15.52
N PRO B 103 -10.77 -14.94 -15.93
CA PRO B 103 -9.86 -14.36 -14.93
C PRO B 103 -10.55 -13.33 -14.04
N TYR B 104 -11.26 -12.40 -14.68
CA TYR B 104 -12.01 -11.35 -13.98
C TYR B 104 -13.46 -11.55 -14.35
N HIS B 105 -14.34 -11.64 -13.36
CA HIS B 105 -15.73 -11.84 -13.66
C HIS B 105 -16.60 -10.98 -12.78
N PHE B 106 -17.31 -10.04 -13.40
CA PHE B 106 -18.21 -9.16 -12.65
C PHE B 106 -19.62 -9.71 -12.77
N ASP B 107 -20.28 -9.90 -11.64
CA ASP B 107 -21.66 -10.36 -11.69
C ASP B 107 -22.40 -9.12 -11.21
N LEU B 108 -22.82 -8.29 -12.16
CA LEU B 108 -23.51 -7.05 -11.87
C LEU B 108 -24.98 -7.28 -11.59
N SER B 109 -25.64 -6.25 -11.05
CA SER B 109 -27.07 -6.34 -10.79
C SER B 109 -27.71 -6.00 -12.12
N GLY B 110 -29.01 -6.28 -12.26
CA GLY B 110 -29.68 -5.97 -13.50
C GLY B 110 -29.59 -4.50 -13.85
N HIS B 111 -29.79 -3.66 -12.85
CA HIS B 111 -29.72 -2.23 -13.09
C HIS B 111 -28.34 -1.83 -13.59
N ALA B 112 -27.30 -2.30 -12.91
CA ALA B 112 -25.94 -1.98 -13.26
C ALA B 112 -25.56 -2.49 -14.65
N PHE B 113 -25.86 -3.74 -14.91
CA PHE B 113 -25.57 -4.35 -16.20
C PHE B 113 -26.16 -3.47 -17.30
N GLY B 114 -27.47 -3.28 -17.24
CA GLY B 114 -28.16 -2.47 -18.24
C GLY B 114 -27.68 -1.03 -18.35
N ALA B 115 -27.12 -0.51 -17.26
CA ALA B 115 -26.63 0.87 -17.23
C ALA B 115 -25.52 1.16 -18.24
N MET B 116 -24.97 0.13 -18.89
CA MET B 116 -23.91 0.34 -19.86
C MET B 116 -24.43 0.53 -21.28
N ALA B 117 -25.75 0.46 -21.44
CA ALA B 117 -26.36 0.58 -22.76
C ALA B 117 -26.64 2.01 -23.18
N LYS B 118 -27.06 2.17 -24.43
CA LYS B 118 -27.39 3.49 -24.96
C LYS B 118 -28.74 3.85 -24.36
N LYS B 119 -28.95 5.14 -24.07
CA LYS B 119 -30.19 5.61 -23.47
C LYS B 119 -31.38 4.84 -24.03
N GLY B 120 -32.07 4.09 -23.18
CA GLY B 120 -33.23 3.33 -23.62
C GLY B 120 -33.02 1.90 -24.07
N ASP B 121 -31.77 1.43 -24.06
CA ASP B 121 -31.50 0.05 -24.46
C ASP B 121 -31.12 -0.83 -23.27
N GLU B 122 -31.26 -0.28 -22.08
CA GLU B 122 -30.92 -1.00 -20.86
C GLU B 122 -31.51 -2.39 -20.79
N GLN B 123 -32.66 -2.62 -21.41
CA GLN B 123 -33.27 -3.93 -21.36
C GLN B 123 -32.78 -4.80 -22.49
N LYS B 124 -32.60 -4.18 -23.66
CA LYS B 124 -32.13 -4.89 -24.84
C LYS B 124 -30.80 -5.53 -24.52
N LEU B 125 -29.96 -4.78 -23.83
CA LEU B 125 -28.63 -5.23 -23.44
C LEU B 125 -28.70 -6.28 -22.35
N ARG B 126 -29.54 -6.03 -21.35
CA ARG B 126 -29.69 -6.95 -20.23
C ARG B 126 -30.11 -8.33 -20.74
N SER B 127 -30.59 -8.38 -21.97
CA SER B 127 -31.04 -9.62 -22.58
C SER B 127 -29.88 -10.37 -23.21
N ALA B 128 -28.71 -9.76 -23.20
CA ALA B 128 -27.52 -10.37 -23.79
C ALA B 128 -26.96 -11.49 -22.92
N GLY B 129 -27.41 -11.55 -21.66
CA GLY B 129 -26.93 -12.59 -20.74
C GLY B 129 -25.51 -12.37 -20.29
N GLU B 130 -24.55 -12.58 -21.19
CA GLU B 130 -23.13 -12.38 -20.89
C GLU B 130 -22.57 -11.45 -21.93
N LEU B 131 -21.51 -10.74 -21.56
CA LEU B 131 -20.87 -9.85 -22.51
C LEU B 131 -19.44 -9.59 -22.02
N GLU B 132 -18.66 -8.93 -22.86
CA GLU B 132 -17.29 -8.63 -22.53
C GLU B 132 -17.20 -7.15 -22.20
N LEU B 133 -16.70 -6.81 -21.02
CA LEU B 133 -16.58 -5.41 -20.66
C LEU B 133 -15.16 -5.08 -20.27
N GLN B 134 -14.90 -3.79 -20.18
CA GLN B 134 -13.59 -3.28 -19.80
C GLN B 134 -13.80 -2.56 -18.50
N PHE B 135 -12.81 -2.64 -17.62
CA PHE B 135 -12.94 -1.98 -16.34
C PHE B 135 -11.62 -1.47 -15.83
N ARG B 136 -11.70 -0.56 -14.86
CA ARG B 136 -10.53 0.01 -14.24
C ARG B 136 -11.02 0.60 -12.91
N ARG B 137 -10.26 0.39 -11.84
CA ARG B 137 -10.68 0.90 -10.56
C ARG B 137 -10.57 2.42 -10.52
N VAL B 138 -11.52 3.04 -9.84
CA VAL B 138 -11.57 4.50 -9.72
C VAL B 138 -12.09 4.91 -8.36
N LYS B 139 -11.76 6.13 -7.95
CA LYS B 139 -12.19 6.65 -6.67
C LYS B 139 -13.72 6.70 -6.72
N CYS B 140 -14.36 6.26 -5.65
CA CYS B 140 -15.82 6.27 -5.60
C CYS B 140 -16.32 7.71 -5.57
N LYS B 141 -17.55 7.92 -6.00
CA LYS B 141 -18.13 9.24 -5.95
C LYS B 141 -19.49 9.11 -5.30
N TYR B 142 -19.56 9.41 -4.01
CA TYR B 142 -20.79 9.31 -3.24
C TYR B 142 -21.52 10.64 -3.24
N PRO B 143 -22.86 10.62 -3.22
CA PRO B 143 -23.60 11.88 -3.21
C PRO B 143 -23.29 12.60 -1.90
N GLU B 144 -23.08 13.92 -1.96
CA GLU B 144 -22.77 14.70 -0.78
C GLU B 144 -23.77 14.42 0.34
N GLY B 145 -23.31 14.53 1.58
CA GLY B 145 -24.19 14.27 2.70
C GLY B 145 -23.98 12.85 3.17
N THR B 146 -23.28 12.08 2.34
CA THR B 146 -22.98 10.69 2.65
C THR B 146 -21.78 10.72 3.59
N LYS B 147 -21.90 10.08 4.74
CA LYS B 147 -20.81 10.08 5.70
C LYS B 147 -20.30 8.69 6.02
N VAL B 148 -18.98 8.59 6.21
CA VAL B 148 -18.36 7.32 6.54
C VAL B 148 -19.10 6.74 7.75
N THR B 149 -19.78 5.62 7.53
CA THR B 149 -20.57 4.98 8.58
C THR B 149 -19.89 3.76 9.20
N PHE B 150 -19.93 3.68 10.53
CA PHE B 150 -19.36 2.56 11.24
C PHE B 150 -20.49 1.70 11.77
N HIS B 151 -20.61 0.48 11.26
CA HIS B 151 -21.67 -0.41 11.70
C HIS B 151 -21.17 -1.44 12.69
N VAL B 152 -21.78 -1.46 13.88
CA VAL B 152 -21.40 -2.44 14.90
C VAL B 152 -22.15 -3.74 14.60
N GLU B 153 -21.41 -4.72 14.06
CA GLU B 153 -21.96 -6.02 13.68
C GLU B 153 -22.63 -6.71 14.85
N LYS B 154 -23.60 -7.58 14.57
CA LYS B 154 -24.28 -8.29 15.64
C LYS B 154 -23.31 -9.27 16.27
N GLY B 155 -23.58 -9.64 17.51
CA GLY B 155 -22.70 -10.57 18.19
C GLY B 155 -21.71 -9.80 19.04
N SER B 156 -21.79 -8.48 18.92
CA SER B 156 -20.93 -7.61 19.70
C SER B 156 -21.52 -7.47 21.08
N ASN B 157 -20.68 -7.69 22.10
CA ASN B 157 -21.11 -7.55 23.47
C ASN B 157 -20.09 -6.63 24.12
N PRO B 158 -20.20 -6.38 25.42
CA PRO B 158 -19.21 -5.47 26.01
C PRO B 158 -17.80 -6.00 26.16
N ASN B 159 -17.47 -7.10 25.49
CA ASN B 159 -16.10 -7.66 25.58
C ASN B 159 -15.64 -8.13 24.22
N TYR B 160 -16.44 -7.85 23.21
CA TYR B 160 -16.16 -8.26 21.85
C TYR B 160 -16.80 -7.23 20.94
N LEU B 161 -16.03 -6.72 20.00
CA LEU B 161 -16.56 -5.72 19.09
C LEU B 161 -16.18 -6.12 17.69
N ALA B 162 -17.15 -6.04 16.77
CA ALA B 162 -16.89 -6.38 15.38
C ALA B 162 -17.57 -5.30 14.57
N LEU B 163 -16.81 -4.53 13.79
CA LEU B 163 -17.45 -3.47 13.01
C LEU B 163 -17.04 -3.31 11.57
N LEU B 164 -17.91 -2.63 10.83
CA LEU B 164 -17.71 -2.35 9.42
C LEU B 164 -17.44 -0.84 9.30
N VAL B 165 -16.63 -0.48 8.31
CA VAL B 165 -16.32 0.91 8.06
C VAL B 165 -16.84 1.19 6.64
N LYS B 166 -18.11 1.57 6.53
CA LYS B 166 -18.72 1.84 5.24
C LYS B 166 -18.43 3.22 4.65
N TYR B 167 -18.69 3.34 3.35
CA TYR B 167 -18.52 4.57 2.59
C TYR B 167 -17.26 5.42 2.82
N VAL B 168 -16.10 4.78 2.86
CA VAL B 168 -14.84 5.49 3.01
C VAL B 168 -14.37 5.73 1.59
N ASN B 169 -14.71 6.89 1.03
CA ASN B 169 -14.32 7.18 -0.35
C ASN B 169 -12.81 7.32 -0.49
N GLY B 170 -12.08 6.84 0.51
CA GLY B 170 -10.64 6.93 0.50
C GLY B 170 -9.95 6.57 -0.81
N ASP B 171 -8.61 6.58 -0.77
CA ASP B 171 -7.82 6.26 -1.94
C ASP B 171 -7.79 4.75 -2.19
N GLY B 172 -7.36 4.00 -1.19
CA GLY B 172 -7.29 2.57 -1.31
C GLY B 172 -8.17 1.84 -0.31
N ASP B 173 -7.86 0.58 -0.06
CA ASP B 173 -8.61 -0.24 0.87
C ASP B 173 -8.17 0.15 2.28
N VAL B 174 -9.07 0.13 3.25
CA VAL B 174 -8.63 0.45 4.60
C VAL B 174 -7.88 -0.80 5.05
N VAL B 175 -6.63 -0.61 5.47
CA VAL B 175 -5.82 -1.76 5.91
C VAL B 175 -5.68 -1.91 7.42
N ALA B 176 -6.28 -1.00 8.19
CA ALA B 176 -6.21 -1.10 9.64
C ALA B 176 -7.26 -0.24 10.32
N VAL B 177 -7.83 -0.76 11.40
CA VAL B 177 -8.82 -0.03 12.16
C VAL B 177 -8.51 -0.15 13.66
N ASP B 178 -8.40 1.00 14.33
CA ASP B 178 -8.09 1.05 15.76
C ASP B 178 -9.16 1.85 16.49
N ILE B 179 -9.31 1.60 17.78
CA ILE B 179 -10.29 2.34 18.56
C ILE B 179 -9.62 2.83 19.85
N LYS B 180 -10.19 3.87 20.44
CA LYS B 180 -9.66 4.43 21.67
C LYS B 180 -10.84 4.94 22.49
N GLU B 181 -10.89 4.53 23.76
CA GLU B 181 -11.98 4.93 24.64
C GLU B 181 -11.70 6.30 25.23
N LYS B 182 -12.68 7.20 25.08
CA LYS B 182 -12.58 8.57 25.58
C LYS B 182 -12.09 8.54 27.02
N GLY B 183 -10.79 8.68 27.22
CA GLY B 183 -10.26 8.66 28.58
C GLY B 183 -8.91 7.99 28.67
N LYS B 184 -8.71 6.95 27.86
CA LYS B 184 -7.45 6.24 27.87
C LYS B 184 -6.58 6.82 26.75
N ASP B 185 -5.34 6.35 26.66
CA ASP B 185 -4.44 6.86 25.63
C ASP B 185 -3.93 5.80 24.67
N LYS B 186 -4.18 4.54 24.96
CA LYS B 186 -3.73 3.44 24.10
C LYS B 186 -4.71 3.04 23.01
N TRP B 187 -4.18 2.67 21.85
CA TRP B 187 -5.01 2.25 20.72
C TRP B 187 -5.24 0.76 20.75
N ILE B 188 -6.49 0.36 20.55
CA ILE B 188 -6.85 -1.05 20.52
C ILE B 188 -6.90 -1.42 19.04
N GLU B 189 -6.03 -2.34 18.64
CA GLU B 189 -5.97 -2.75 17.24
C GLU B 189 -6.92 -3.86 16.88
N LEU B 190 -7.78 -3.60 15.91
CA LEU B 190 -8.74 -4.59 15.44
C LEU B 190 -8.12 -5.51 14.38
N LYS B 191 -8.54 -6.77 14.37
CA LYS B 191 -8.03 -7.73 13.39
C LYS B 191 -8.97 -7.84 12.21
N GLU B 192 -8.36 -7.99 11.04
CA GLU B 192 -9.10 -8.09 9.80
C GLU B 192 -9.59 -9.51 9.60
N SER B 193 -10.79 -9.64 9.06
CA SER B 193 -11.36 -10.95 8.81
C SER B 193 -12.16 -10.84 7.53
N TRP B 194 -12.54 -11.98 6.97
CA TRP B 194 -13.32 -12.01 5.74
C TRP B 194 -14.48 -11.01 5.81
N GLY B 195 -14.78 -10.39 4.67
CA GLY B 195 -15.87 -9.44 4.59
C GLY B 195 -15.55 -8.06 5.14
N ALA B 196 -14.26 -7.75 5.29
CA ALA B 196 -13.83 -6.45 5.81
C ALA B 196 -14.46 -6.12 7.16
N ILE B 197 -14.59 -7.13 8.01
CA ILE B 197 -15.16 -6.98 9.35
C ILE B 197 -14.03 -6.97 10.37
N TRP B 198 -13.81 -5.85 11.04
CA TRP B 198 -12.74 -5.77 12.03
C TRP B 198 -13.23 -6.25 13.38
N ARG B 199 -12.46 -7.13 14.01
CA ARG B 199 -12.88 -7.72 15.29
C ARG B 199 -11.88 -7.64 16.43
N ILE B 200 -12.39 -7.46 17.64
CA ILE B 200 -11.56 -7.45 18.83
C ILE B 200 -12.25 -8.00 20.08
N ASP B 201 -11.57 -8.90 20.78
CA ASP B 201 -12.12 -9.43 22.01
C ASP B 201 -11.12 -9.04 23.09
N THR B 202 -11.62 -8.52 24.21
CA THR B 202 -10.78 -8.07 25.30
C THR B 202 -11.32 -8.40 26.68
N PRO B 203 -10.48 -8.27 27.73
CA PRO B 203 -10.91 -8.55 29.10
C PRO B 203 -11.62 -7.34 29.69
N ASP B 204 -11.18 -6.16 29.26
CA ASP B 204 -11.73 -4.90 29.73
C ASP B 204 -13.01 -4.56 28.98
N LYS B 205 -14.03 -4.14 29.72
CA LYS B 205 -15.29 -3.78 29.11
C LYS B 205 -15.10 -2.73 28.02
N LEU B 206 -15.92 -2.79 26.98
CA LEU B 206 -15.88 -1.84 25.88
C LEU B 206 -17.08 -0.93 26.12
N THR B 207 -16.98 -0.15 27.20
CA THR B 207 -18.05 0.76 27.62
C THR B 207 -18.00 2.15 27.02
N GLY B 208 -17.15 2.99 27.62
CA GLY B 208 -17.00 4.38 27.21
C GLY B 208 -16.95 4.60 25.71
N PRO B 209 -17.24 5.82 25.24
CA PRO B 209 -17.23 6.18 23.81
C PRO B 209 -15.88 5.88 23.16
N PHE B 210 -15.93 5.31 21.95
CA PHE B 210 -14.69 4.99 21.26
C PHE B 210 -14.46 5.88 20.07
N THR B 211 -13.18 6.11 19.80
CA THR B 211 -12.76 6.90 18.66
C THR B 211 -12.21 5.86 17.69
N VAL B 212 -12.74 5.88 16.47
CA VAL B 212 -12.30 4.93 15.48
C VAL B 212 -11.31 5.58 14.52
N ARG B 213 -10.15 4.97 14.41
CA ARG B 213 -9.10 5.47 13.54
C ARG B 213 -8.81 4.40 12.48
N TYR B 214 -9.02 4.75 11.23
CA TYR B 214 -8.78 3.80 10.15
C TYR B 214 -7.79 4.37 9.16
N THR B 215 -6.81 3.56 8.78
CA THR B 215 -5.80 4.00 7.84
C THR B 215 -5.98 3.27 6.51
N THR B 216 -5.81 4.00 5.41
CA THR B 216 -5.96 3.44 4.07
C THR B 216 -4.63 2.95 3.49
N GLU B 217 -4.72 2.22 2.39
CA GLU B 217 -3.53 1.66 1.73
C GLU B 217 -2.36 2.62 1.71
N GLY B 218 -2.62 3.86 1.31
CA GLY B 218 -1.56 4.84 1.28
C GLY B 218 -0.78 4.79 2.59
N GLY B 219 -1.38 5.36 3.63
CA GLY B 219 -0.77 5.38 4.95
C GLY B 219 -1.55 6.42 5.73
N THR B 220 -2.51 7.01 5.04
CA THR B 220 -3.37 8.05 5.59
C THR B 220 -4.28 7.63 6.74
N LYS B 221 -3.85 7.93 7.97
CA LYS B 221 -4.63 7.61 9.15
C LYS B 221 -5.63 8.72 9.41
N THR B 222 -6.92 8.43 9.31
CA THR B 222 -7.94 9.43 9.59
C THR B 222 -8.75 8.96 10.80
N GLU B 223 -9.12 9.89 11.69
CA GLU B 223 -9.87 9.56 12.90
C GLU B 223 -11.30 10.10 12.96
N ALA B 224 -12.16 9.33 13.60
CA ALA B 224 -13.54 9.72 13.79
C ALA B 224 -13.71 9.64 15.30
N GLU B 225 -13.53 10.78 15.95
CA GLU B 225 -13.62 10.87 17.40
C GLU B 225 -14.99 10.57 18.00
N ASP B 226 -14.98 9.72 19.02
CA ASP B 226 -16.19 9.34 19.75
C ASP B 226 -17.41 9.11 18.88
N VAL B 227 -17.24 8.35 17.79
CA VAL B 227 -18.36 8.07 16.90
C VAL B 227 -19.26 6.98 17.47
N ILE B 228 -18.65 6.06 18.20
CA ILE B 228 -19.40 4.98 18.84
C ILE B 228 -19.63 5.45 20.27
N PRO B 229 -20.88 5.82 20.59
CA PRO B 229 -21.28 6.31 21.91
C PRO B 229 -21.19 5.32 23.05
N GLU B 230 -21.19 5.84 24.27
CA GLU B 230 -21.17 4.98 25.43
C GLU B 230 -22.52 4.28 25.33
N GLY B 231 -22.60 3.04 25.79
CA GLY B 231 -23.86 2.32 25.73
C GLY B 231 -24.38 2.19 24.30
N TRP B 232 -23.52 1.67 23.43
CA TRP B 232 -23.86 1.45 22.03
C TRP B 232 -24.57 0.10 21.95
N LYS B 233 -25.18 -0.19 20.81
CA LYS B 233 -25.87 -1.46 20.66
C LYS B 233 -25.39 -2.25 19.44
N ALA B 234 -25.39 -3.57 19.57
CA ALA B 234 -24.97 -4.45 18.49
C ALA B 234 -25.91 -4.31 17.29
N ASP B 235 -25.34 -4.49 16.10
CA ASP B 235 -26.08 -4.40 14.85
C ASP B 235 -26.74 -3.02 14.72
N THR B 236 -25.92 -1.98 14.86
CA THR B 236 -26.39 -0.61 14.79
C THR B 236 -25.33 0.24 14.09
N SER B 237 -25.75 1.15 13.22
CA SER B 237 -24.82 2.01 12.50
C SER B 237 -24.69 3.41 13.07
N TYR B 238 -23.46 3.83 13.31
CA TYR B 238 -23.19 5.16 13.83
C TYR B 238 -22.31 5.87 12.83
N GLU B 239 -22.68 7.09 12.46
CA GLU B 239 -21.89 7.85 11.50
C GLU B 239 -21.14 9.03 12.11
N SER B 240 -20.17 9.55 11.37
CA SER B 240 -19.34 10.66 11.83
C SER B 240 -19.85 12.01 11.31
C1 NAG C . -3.73 -12.09 -4.16
C2 NAG C . -2.58 -13.02 -4.51
C3 NAG C . -2.57 -14.27 -3.59
C4 NAG C . -2.44 -13.81 -2.14
C5 NAG C . -3.70 -12.92 -1.81
C6 NAG C . -3.76 -12.33 -0.40
C7 NAG C . -1.78 -13.34 -6.84
C8 NAG C . -2.14 -13.95 -8.17
N2 NAG C . -2.73 -13.54 -5.91
O3 NAG C . -1.43 -15.12 -3.95
O4 NAG C . -2.41 -14.96 -1.24
O5 NAG C . -3.75 -11.78 -2.76
O6 NAG C . -2.62 -11.46 -0.14
O7 NAG C . -0.72 -12.74 -6.65
C1 NAG D . 5.32 13.94 -2.47
C2 NAG D . 4.01 14.58 -2.04
C3 NAG D . 4.26 15.58 -0.90
C4 NAG D . 4.88 14.85 0.28
C5 NAG D . 6.26 14.22 -0.18
C6 NAG D . 7.04 13.38 0.89
C7 NAG D . 2.34 14.80 -3.83
C8 NAG D . 1.85 15.68 -4.94
N2 NAG D . 3.41 15.32 -3.18
O3 NAG D . 2.98 16.18 -0.49
O4 NAG D . 5.11 15.74 1.39
O5 NAG D . 6.02 13.35 -1.35
O6 NAG D . 6.36 12.15 1.26
O7 NAG D . 1.80 13.71 -3.57
#